data_5HHQ
#
_entry.id   5HHQ
#
_cell.length_a   53.651
_cell.length_b   80.153
_cell.length_c   57.608
_cell.angle_alpha   90.000
_cell.angle_beta   114.420
_cell.angle_gamma   90.000
#
_symmetry.space_group_name_H-M   'P 1 21 1'
#
loop_
_entity.id
_entity.type
_entity.pdbx_description
1 polymer 'HLA class I histocompatibility antigen, A-2 alpha chain'
2 polymer Beta-2-microglobulin
3 polymer 'M1-L3W, GIWGFVFTL'
4 water water
#
loop_
_entity_poly.entity_id
_entity_poly.type
_entity_poly.pdbx_seq_one_letter_code
_entity_poly.pdbx_strand_id
1 'polypeptide(L)'
;GSHSMRYFFTSVSRPGRGEPRFIAVGYVDDTQFVRFDSDAASQRMEPRAPWIEQEGPEYWDGETRKVKAHSQTHRVDLGT
LRGYYNQSEAGSHTVQRMYGCDVGSDWRFLRGYHQYAYDGKDYIALKEDLRSWTAADMAAQTTKHKWEAAHVAEQLRAYL
EGTCVEWLRRYLENGKETLQRTDAPKTHMTHHAVSDHEATLRCWALSFYPAEITLTWQRDGEDQTQDTELVETRPAGDGT
FQKWVAVVVPSGQEQRYTCHVQHEGLPKPLTLRW
;
A
2 'polypeptide(L)'
;MIQRTPKIQVYSRHPAENGKSNFLNCYVSGFHPSDIEVDLLKNGERIEKVEHSDLSFSKDWSFYLLYYTEFTPTEKDEYA
CRVNHVTLSQPKIVKWDRDM
;
B
3 'polypeptide(L)' GIWGFVFTL C
#
# COMPACT_ATOMS: atom_id res chain seq x y z
N GLY A 1 -8.68 -1.54 18.50
CA GLY A 1 -9.11 -2.63 17.64
C GLY A 1 -7.98 -3.58 17.34
N SER A 2 -8.10 -4.32 16.24
CA SER A 2 -7.07 -5.26 15.83
C SER A 2 -5.81 -4.57 15.27
N HIS A 3 -4.70 -5.28 15.21
CA HIS A 3 -3.43 -4.70 14.75
C HIS A 3 -2.66 -5.74 13.94
N SER A 4 -1.73 -5.27 13.11
CA SER A 4 -0.93 -6.17 12.30
C SER A 4 0.47 -5.63 12.10
N MET A 5 1.43 -6.55 12.02
CA MET A 5 2.76 -6.20 11.54
C MET A 5 3.02 -6.99 10.27
N ARG A 6 3.40 -6.30 9.19
CA ARG A 6 3.64 -6.98 7.94
C ARG A 6 4.92 -6.44 7.30
N TYR A 7 5.65 -7.33 6.64
CA TYR A 7 6.82 -6.98 5.88
C TYR A 7 6.65 -7.36 4.39
N PHE A 8 7.00 -6.44 3.51
CA PHE A 8 6.89 -6.65 2.07
C PHE A 8 8.27 -6.61 1.41
N PHE A 9 8.56 -7.64 0.63
CA PHE A 9 9.87 -7.77 -0.02
C PHE A 9 9.70 -7.95 -1.51
N THR A 10 10.39 -7.14 -2.30
CA THR A 10 10.39 -7.29 -3.76
C THR A 10 11.82 -7.37 -4.26
N SER A 11 12.10 -8.32 -5.14
CA SER A 11 13.37 -8.41 -5.84
C SER A 11 13.10 -8.46 -7.33
N VAL A 12 13.77 -7.59 -8.08
CA VAL A 12 13.64 -7.58 -9.54
C VAL A 12 15.00 -7.82 -10.19
N SER A 13 15.11 -8.82 -11.07
CA SER A 13 16.44 -9.13 -11.64
C SER A 13 16.78 -8.12 -12.73
N ARG A 14 18.07 -7.85 -12.86
CA ARG A 14 18.58 -6.92 -13.86
C ARG A 14 19.54 -7.66 -14.77
N PRO A 15 19.01 -8.21 -15.86
CA PRO A 15 19.71 -9.18 -16.70
C PRO A 15 21.05 -8.63 -17.20
N GLY A 16 21.03 -7.43 -17.76
CA GLY A 16 22.22 -6.86 -18.37
C GLY A 16 23.46 -6.93 -17.51
N ARG A 17 23.32 -6.60 -16.23
CA ARG A 17 24.48 -6.48 -15.35
C ARG A 17 24.07 -6.30 -13.88
N GLY A 18 24.62 -7.14 -13.01
CA GLY A 18 24.56 -6.93 -11.57
C GLY A 18 23.50 -7.71 -10.83
N GLU A 19 23.48 -7.56 -9.51
CA GLU A 19 22.49 -8.14 -8.63
C GLU A 19 21.10 -7.54 -8.81
N PRO A 20 20.06 -8.26 -8.35
CA PRO A 20 18.72 -7.72 -8.44
C PRO A 20 18.50 -6.46 -7.59
N ARG A 21 17.59 -5.60 -8.04
CA ARG A 21 17.08 -4.54 -7.18
C ARG A 21 16.20 -5.15 -6.10
N PHE A 22 16.52 -4.86 -4.85
CA PHE A 22 15.83 -5.44 -3.72
C PHE A 22 15.26 -4.33 -2.85
N ILE A 23 13.96 -4.37 -2.60
CA ILE A 23 13.29 -3.40 -1.73
C ILE A 23 12.44 -4.08 -0.68
N ALA A 24 12.71 -3.74 0.57
CA ALA A 24 11.99 -4.28 1.71
C ALA A 24 11.35 -3.16 2.49
N VAL A 25 10.08 -3.32 2.85
CA VAL A 25 9.38 -2.38 3.73
C VAL A 25 8.57 -3.06 4.83
N GLY A 26 8.58 -2.47 6.01
CA GLY A 26 7.81 -2.97 7.13
C GLY A 26 6.69 -2.01 7.52
N TYR A 27 5.55 -2.58 7.91
CA TYR A 27 4.39 -1.82 8.35
C TYR A 27 3.86 -2.29 9.70
N VAL A 28 3.38 -1.35 10.51
CA VAL A 28 2.50 -1.68 11.62
C VAL A 28 1.18 -1.04 11.24
N ASP A 29 0.15 -1.88 11.11
CA ASP A 29 -1.11 -1.44 10.52
C ASP A 29 -0.86 -0.72 9.19
N ASP A 30 -1.30 0.53 9.07
CA ASP A 30 -1.06 1.27 7.84
C ASP A 30 0.10 2.26 7.93
N THR A 31 1.02 2.03 8.86
CA THR A 31 2.18 2.93 9.01
CA THR A 31 2.17 2.92 8.95
C THR A 31 3.47 2.21 8.63
N GLN A 32 4.17 2.72 7.62
CA GLN A 32 5.47 2.16 7.28
C GLN A 32 6.47 2.61 8.33
N PHE A 33 7.30 1.71 8.84
CA PHE A 33 8.23 2.12 9.89
C PHE A 33 9.69 1.79 9.60
N VAL A 34 9.95 0.86 8.70
CA VAL A 34 11.30 0.63 8.22
C VAL A 34 11.34 0.42 6.71
N ARG A 35 12.52 0.55 6.15
CA ARG A 35 12.74 0.25 4.75
C ARG A 35 14.15 -0.30 4.54
N PHE A 36 14.34 -0.98 3.43
CA PHE A 36 15.67 -1.28 2.93
C PHE A 36 15.60 -1.18 1.43
N ASP A 37 16.53 -0.45 0.85
CA ASP A 37 16.64 -0.36 -0.59
C ASP A 37 18.07 -0.70 -0.99
N SER A 38 18.25 -1.68 -1.85
CA SER A 38 19.59 -2.10 -2.22
C SER A 38 20.31 -1.01 -3.00
N ASP A 39 19.55 -0.15 -3.67
CA ASP A 39 20.12 0.96 -4.43
C ASP A 39 20.51 2.18 -3.57
N ALA A 40 20.09 2.20 -2.31
CA ALA A 40 20.39 3.34 -1.44
C ALA A 40 21.84 3.27 -0.95
N ALA A 41 22.36 4.40 -0.49
CA ALA A 41 23.77 4.49 -0.10
C ALA A 41 24.08 3.76 1.21
N SER A 42 23.17 3.83 2.17
CA SER A 42 23.46 3.34 3.52
C SER A 42 23.70 1.85 3.61
N GLN A 43 23.00 1.05 2.80
CA GLN A 43 23.03 -0.39 2.93
C GLN A 43 22.66 -0.83 4.34
N ARG A 44 21.74 -0.09 4.97
CA ARG A 44 21.24 -0.42 6.29
C ARG A 44 19.71 -0.43 6.25
N MET A 45 19.10 -1.27 7.09
CA MET A 45 17.68 -1.10 7.40
C MET A 45 17.54 0.28 8.01
N GLU A 46 16.64 1.09 7.46
CA GLU A 46 16.47 2.48 7.91
C GLU A 46 15.10 2.75 8.55
N PRO A 47 15.05 3.70 9.52
CA PRO A 47 13.79 4.07 10.17
C PRO A 47 12.93 4.93 9.25
N ARG A 48 11.61 4.75 9.33
CA ARG A 48 10.67 5.55 8.56
C ARG A 48 9.54 6.08 9.46
N ALA A 49 9.62 5.79 10.75
CA ALA A 49 8.73 6.38 11.75
C ALA A 49 9.54 6.85 12.97
N PRO A 50 9.11 7.95 13.61
CA PRO A 50 9.90 8.45 14.75
C PRO A 50 10.01 7.43 15.87
N TRP A 51 8.94 6.70 16.17
CA TRP A 51 8.96 5.79 17.30
C TRP A 51 9.89 4.57 17.14
N ILE A 52 10.38 4.29 15.92
CA ILE A 52 11.30 3.16 15.78
C ILE A 52 12.73 3.65 15.94
N GLU A 53 12.95 4.96 15.82
CA GLU A 53 14.27 5.53 16.08
C GLU A 53 14.68 5.38 17.55
N GLN A 54 13.72 5.07 18.41
CA GLN A 54 14.03 4.74 19.80
C GLN A 54 14.97 3.55 19.90
N GLU A 55 14.95 2.69 18.90
CA GLU A 55 15.73 1.46 18.92
C GLU A 55 17.21 1.78 18.85
N GLY A 56 18.00 1.06 19.64
CA GLY A 56 19.43 1.25 19.66
C GLY A 56 20.13 0.53 18.53
N PRO A 57 21.44 0.78 18.39
CA PRO A 57 22.30 0.26 17.32
C PRO A 57 22.27 -1.25 17.18
N GLU A 58 22.05 -2.00 18.26
CA GLU A 58 22.01 -3.45 18.15
CA GLU A 58 22.02 -3.45 18.13
C GLU A 58 20.77 -3.89 17.37
N TYR A 59 19.70 -3.09 17.40
CA TYR A 59 18.48 -3.37 16.66
C TYR A 59 18.77 -3.24 15.17
N TRP A 60 19.39 -2.12 14.81
CA TRP A 60 19.65 -1.83 13.42
C TRP A 60 20.70 -2.75 12.85
N ASP A 61 21.63 -3.19 13.69
N ASP A 61 21.63 -3.20 13.69
CA ASP A 61 22.64 -4.13 13.23
CA ASP A 61 22.64 -4.15 13.24
C ASP A 61 21.98 -5.48 12.93
C ASP A 61 21.96 -5.48 12.92
N GLY A 62 21.09 -5.91 13.82
CA GLY A 62 20.37 -7.17 13.66
C GLY A 62 19.40 -7.15 12.48
N GLU A 63 18.65 -6.07 12.33
CA GLU A 63 17.71 -5.97 11.22
C GLU A 63 18.47 -5.92 9.89
N THR A 64 19.60 -5.26 9.90
CA THR A 64 20.35 -5.08 8.67
C THR A 64 20.91 -6.42 8.25
N ARG A 65 21.47 -7.14 9.21
CA ARG A 65 22.00 -8.47 8.93
C ARG A 65 20.91 -9.37 8.34
N LYS A 66 19.75 -9.38 8.98
CA LYS A 66 18.63 -10.22 8.53
C LYS A 66 18.12 -9.79 7.17
N VAL A 67 18.00 -8.50 6.91
CA VAL A 67 17.40 -8.12 5.64
C VAL A 67 18.37 -8.39 4.50
N LYS A 68 19.67 -8.37 4.77
CA LYS A 68 20.63 -8.69 3.73
C LYS A 68 20.58 -10.18 3.40
N ALA A 69 20.37 -11.01 4.43
CA ALA A 69 20.18 -12.43 4.20
C ALA A 69 18.91 -12.68 3.36
N HIS A 70 17.87 -11.88 3.58
CA HIS A 70 16.66 -11.95 2.74
C HIS A 70 17.01 -11.64 1.29
N SER A 71 17.81 -10.59 1.12
CA SER A 71 18.20 -10.13 -0.20
CA SER A 71 18.18 -10.12 -0.21
C SER A 71 18.89 -11.23 -1.01
N GLN A 72 19.82 -11.91 -0.36
CA GLN A 72 20.60 -12.96 -1.02
C GLN A 72 19.77 -14.21 -1.28
N THR A 73 18.88 -14.55 -0.37
CA THR A 73 17.91 -15.64 -0.59
C THR A 73 17.04 -15.39 -1.83
N HIS A 74 16.51 -14.17 -1.97
CA HIS A 74 15.76 -13.84 -3.17
C HIS A 74 16.61 -13.86 -4.44
N ARG A 75 17.87 -13.47 -4.33
CA ARG A 75 18.77 -13.51 -5.47
C ARG A 75 18.89 -14.94 -5.96
N VAL A 76 19.12 -15.85 -5.02
CA VAL A 76 19.24 -17.25 -5.35
C VAL A 76 17.89 -17.78 -5.88
N ASP A 77 16.78 -17.41 -5.25
CA ASP A 77 15.48 -17.86 -5.68
C ASP A 77 15.20 -17.50 -7.14
N LEU A 78 15.56 -16.28 -7.54
CA LEU A 78 15.32 -15.83 -8.90
C LEU A 78 16.03 -16.73 -9.91
N GLY A 79 17.25 -17.12 -9.59
CA GLY A 79 17.97 -18.08 -10.42
C GLY A 79 17.32 -19.44 -10.43
N THR A 80 16.92 -19.94 -9.25
CA THR A 80 16.23 -21.21 -9.18
C THR A 80 14.95 -21.21 -10.02
N LEU A 81 14.13 -20.20 -9.82
CA LEU A 81 12.86 -20.10 -10.51
C LEU A 81 13.03 -20.03 -12.02
N ARG A 82 14.06 -19.33 -12.46
CA ARG A 82 14.33 -19.22 -13.89
C ARG A 82 14.61 -20.62 -14.49
N GLY A 83 15.28 -21.46 -13.73
CA GLY A 83 15.50 -22.84 -14.14
C GLY A 83 14.19 -23.61 -14.12
N TYR A 84 13.46 -23.53 -13.02
CA TYR A 84 12.18 -24.25 -12.90
C TYR A 84 11.23 -23.95 -14.06
N TYR A 85 11.20 -22.70 -14.51
CA TYR A 85 10.27 -22.31 -15.57
C TYR A 85 10.93 -22.23 -16.95
N ASN A 86 12.17 -22.71 -17.05
CA ASN A 86 12.90 -22.73 -18.33
C ASN A 86 12.91 -21.41 -19.07
N GLN A 87 13.19 -20.33 -18.35
CA GLN A 87 13.27 -19.01 -18.97
C GLN A 87 14.73 -18.65 -19.26
N SER A 88 14.94 -17.73 -20.18
CA SER A 88 16.29 -17.33 -20.52
C SER A 88 16.82 -16.30 -19.56
N GLU A 89 18.09 -15.95 -19.71
CA GLU A 89 18.71 -14.91 -18.89
C GLU A 89 18.47 -13.53 -19.47
N ALA A 90 17.72 -13.47 -20.58
CA ALA A 90 17.51 -12.20 -21.27
C ALA A 90 16.48 -11.28 -20.59
N GLY A 91 15.60 -11.85 -19.80
CA GLY A 91 14.50 -11.09 -19.25
C GLY A 91 14.60 -10.76 -17.76
N SER A 92 13.92 -9.69 -17.38
CA SER A 92 13.77 -9.32 -15.99
C SER A 92 12.60 -10.07 -15.36
N HIS A 93 12.79 -10.61 -14.16
CA HIS A 93 11.71 -11.27 -13.44
C HIS A 93 11.61 -10.79 -11.99
N THR A 94 10.49 -11.07 -11.33
CA THR A 94 10.23 -10.54 -9.98
C THR A 94 9.89 -11.65 -9.00
N VAL A 95 10.50 -11.63 -7.82
CA VAL A 95 9.96 -12.39 -6.69
C VAL A 95 9.37 -11.42 -5.65
N GLN A 96 8.18 -11.71 -5.16
CA GLN A 96 7.56 -10.92 -4.08
C GLN A 96 7.28 -11.82 -2.89
N ARG A 97 7.53 -11.30 -1.70
CA ARG A 97 7.25 -12.04 -0.48
C ARG A 97 6.54 -11.14 0.54
N MET A 98 5.50 -11.66 1.17
CA MET A 98 4.88 -10.92 2.27
C MET A 98 4.65 -11.85 3.43
N TYR A 99 5.00 -11.41 4.62
CA TYR A 99 4.62 -12.15 5.81
C TYR A 99 4.36 -11.24 7.02
N GLY A 100 3.91 -11.83 8.11
CA GLY A 100 3.55 -11.05 9.28
C GLY A 100 2.42 -11.68 10.09
N CYS A 101 1.93 -10.94 11.08
CA CYS A 101 0.96 -11.44 12.03
C CYS A 101 -0.14 -10.40 12.30
N ASP A 102 -1.35 -10.86 12.62
CA ASP A 102 -2.43 -10.02 13.13
C ASP A 102 -2.68 -10.31 14.60
N VAL A 103 -2.99 -9.30 15.39
CA VAL A 103 -3.49 -9.51 16.75
C VAL A 103 -4.85 -8.86 16.91
N GLY A 104 -5.67 -9.41 17.82
CA GLY A 104 -6.99 -8.89 18.06
C GLY A 104 -6.92 -7.72 19.02
N SER A 105 -8.08 -7.27 19.51
CA SER A 105 -8.12 -6.15 20.45
C SER A 105 -7.39 -6.47 21.75
N ASP A 106 -7.28 -7.77 22.06
CA ASP A 106 -6.54 -8.20 23.24
C ASP A 106 -5.04 -8.27 23.00
N TRP A 107 -4.62 -7.87 21.81
CA TRP A 107 -3.21 -7.83 21.42
C TRP A 107 -2.54 -9.20 21.44
N ARG A 108 -3.34 -10.26 21.40
CA ARG A 108 -2.78 -11.60 21.37
C ARG A 108 -2.95 -12.19 19.96
N PHE A 109 -2.16 -13.22 19.67
CA PHE A 109 -2.10 -13.80 18.33
C PHE A 109 -3.45 -14.22 17.76
N LEU A 110 -3.77 -13.67 16.59
CA LEU A 110 -5.01 -13.96 15.89
C LEU A 110 -4.75 -14.75 14.61
N ARG A 111 -3.72 -14.37 13.86
CA ARG A 111 -3.55 -14.92 12.52
C ARG A 111 -2.13 -14.64 12.01
N GLY A 112 -1.54 -15.59 11.30
CA GLY A 112 -0.21 -15.40 10.73
C GLY A 112 -0.22 -15.79 9.27
N TYR A 113 0.67 -15.22 8.48
CA TYR A 113 0.68 -15.48 7.06
C TYR A 113 2.07 -15.34 6.46
N HIS A 114 2.32 -16.06 5.37
CA HIS A 114 3.59 -16.01 4.67
C HIS A 114 3.35 -16.43 3.25
N GLN A 115 3.47 -15.51 2.30
CA GLN A 115 3.25 -15.91 0.91
C GLN A 115 4.26 -15.35 -0.05
N TYR A 116 4.38 -16.00 -1.19
CA TYR A 116 5.45 -15.78 -2.13
C TYR A 116 4.91 -15.83 -3.57
N ALA A 117 5.31 -14.87 -4.39
CA ALA A 117 4.87 -14.82 -5.78
C ALA A 117 6.03 -14.65 -6.75
N TYR A 118 5.87 -15.23 -7.94
CA TYR A 118 6.87 -15.08 -9.01
C TYR A 118 6.23 -14.48 -10.24
N ASP A 119 6.81 -13.39 -10.72
CA ASP A 119 6.21 -12.62 -11.82
C ASP A 119 4.74 -12.31 -11.61
N GLY A 120 4.39 -11.94 -10.39
CA GLY A 120 3.05 -11.43 -10.15
C GLY A 120 1.99 -12.50 -9.96
N LYS A 121 2.40 -13.76 -9.94
CA LYS A 121 1.47 -14.86 -9.76
C LYS A 121 1.81 -15.64 -8.50
N ASP A 122 0.77 -16.09 -7.80
CA ASP A 122 0.89 -16.99 -6.65
C ASP A 122 1.91 -18.07 -6.92
N TYR A 123 2.84 -18.27 -6.00
CA TYR A 123 3.78 -19.39 -6.10
C TYR A 123 3.56 -20.37 -4.94
N ILE A 124 3.93 -19.96 -3.73
CA ILE A 124 3.72 -20.80 -2.57
C ILE A 124 3.30 -19.93 -1.38
N ALA A 125 2.43 -20.47 -0.54
CA ALA A 125 1.90 -19.75 0.61
C ALA A 125 1.71 -20.68 1.77
N LEU A 126 1.89 -20.17 2.98
CA LEU A 126 1.63 -20.96 4.16
C LEU A 126 0.13 -21.01 4.40
N LYS A 127 -0.39 -22.16 4.82
CA LYS A 127 -1.82 -22.30 5.06
C LYS A 127 -2.16 -21.66 6.39
N GLU A 128 -3.44 -21.40 6.64
CA GLU A 128 -3.81 -20.65 7.84
C GLU A 128 -3.48 -21.39 9.13
N ASP A 129 -3.40 -22.72 9.10
CA ASP A 129 -3.00 -23.49 10.29
C ASP A 129 -1.52 -23.38 10.60
N LEU A 130 -0.76 -22.75 9.71
CA LEU A 130 0.68 -22.55 9.90
C LEU A 130 1.46 -23.86 9.90
N ARG A 131 0.86 -24.91 9.35
CA ARG A 131 1.49 -26.23 9.40
C ARG A 131 1.71 -26.82 8.02
N SER A 132 1.02 -26.30 7.02
CA SER A 132 1.11 -26.82 5.67
C SER A 132 1.24 -25.71 4.63
N TRP A 133 1.47 -26.11 3.38
CA TRP A 133 1.71 -25.18 2.29
C TRP A 133 0.72 -25.30 1.12
N THR A 134 0.50 -24.19 0.42
CA THR A 134 -0.30 -24.18 -0.79
C THR A 134 0.61 -23.89 -1.97
N ALA A 135 0.86 -24.90 -2.81
CA ALA A 135 1.70 -24.75 -4.00
C ALA A 135 0.81 -24.57 -5.21
N ALA A 136 1.00 -23.48 -5.95
CA ALA A 136 0.10 -23.16 -7.06
C ALA A 136 0.31 -24.01 -8.33
N ASP A 137 1.56 -24.39 -8.61
CA ASP A 137 1.86 -25.25 -9.77
C ASP A 137 2.93 -26.29 -9.42
N MET A 138 3.39 -27.03 -10.42
CA MET A 138 4.30 -28.15 -10.16
C MET A 138 5.69 -27.66 -9.72
N ALA A 139 6.11 -26.51 -10.22
CA ALA A 139 7.34 -25.90 -9.77
C ALA A 139 7.27 -25.63 -8.26
N ALA A 140 6.24 -24.91 -7.84
CA ALA A 140 6.03 -24.63 -6.42
C ALA A 140 5.90 -25.91 -5.59
N GLN A 141 5.45 -27.00 -6.22
CA GLN A 141 5.26 -28.26 -5.52
C GLN A 141 6.60 -28.88 -5.13
N THR A 142 7.61 -28.70 -5.98
CA THR A 142 8.99 -29.07 -5.61
C THR A 142 9.46 -28.29 -4.35
N THR A 143 9.25 -26.98 -4.34
CA THR A 143 9.59 -26.17 -3.16
C THR A 143 8.82 -26.69 -1.95
N LYS A 144 7.53 -27.02 -2.14
CA LYS A 144 6.73 -27.53 -1.02
C LYS A 144 7.36 -28.77 -0.39
N HIS A 145 7.73 -29.75 -1.22
CA HIS A 145 8.38 -30.98 -0.76
C HIS A 145 9.69 -30.69 -0.06
N LYS A 146 10.48 -29.78 -0.63
CA LYS A 146 11.74 -29.39 -0.03
C LYS A 146 11.51 -28.81 1.36
N TRP A 147 10.55 -27.90 1.48
CA TRP A 147 10.31 -27.22 2.73
C TRP A 147 9.67 -28.13 3.77
N GLU A 148 8.92 -29.13 3.31
CA GLU A 148 8.35 -30.12 4.22
C GLU A 148 9.45 -30.97 4.82
N ALA A 149 10.34 -31.46 3.97
CA ALA A 149 11.57 -32.13 4.39
C ALA A 149 12.34 -31.37 5.48
N ALA A 150 12.57 -30.07 5.24
CA ALA A 150 13.39 -29.28 6.15
C ALA A 150 12.62 -28.64 7.30
N HIS A 151 11.35 -29.01 7.45
CA HIS A 151 10.52 -28.52 8.55
C HIS A 151 10.50 -27.01 8.67
N VAL A 152 10.37 -26.34 7.54
CA VAL A 152 10.36 -24.89 7.50
C VAL A 152 9.17 -24.35 8.26
N ALA A 153 8.02 -24.99 8.06
CA ALA A 153 6.77 -24.48 8.63
C ALA A 153 6.87 -24.31 10.14
N GLU A 154 7.57 -25.24 10.80
CA GLU A 154 7.66 -25.25 12.25
C GLU A 154 8.41 -24.02 12.76
N GLN A 155 9.51 -23.70 12.11
CA GLN A 155 10.31 -22.56 12.51
C GLN A 155 9.64 -21.24 12.10
N LEU A 156 8.89 -21.26 11.01
CA LEU A 156 8.23 -20.04 10.57
C LEU A 156 7.12 -19.75 11.54
N ARG A 157 6.42 -20.81 11.92
CA ARG A 157 5.30 -20.70 12.85
C ARG A 157 5.75 -20.19 14.20
N ALA A 158 6.96 -20.53 14.61
CA ALA A 158 7.50 -20.03 15.87
C ALA A 158 7.68 -18.52 15.79
N TYR A 159 8.12 -18.04 14.64
CA TYR A 159 8.24 -16.61 14.41
C TYR A 159 6.87 -15.90 14.38
N LEU A 160 5.96 -16.39 13.54
CA LEU A 160 4.67 -15.73 13.33
C LEU A 160 3.77 -15.72 14.56
N GLU A 161 3.85 -16.79 15.35
CA GLU A 161 3.04 -16.90 16.56
C GLU A 161 3.70 -16.23 17.75
N GLY A 162 5.03 -16.26 17.76
CA GLY A 162 5.79 -15.84 18.92
C GLY A 162 6.47 -14.52 18.70
N THR A 163 7.62 -14.56 18.05
CA THR A 163 8.48 -13.40 17.91
C THR A 163 7.80 -12.22 17.23
N CYS A 164 6.98 -12.50 16.24
CA CYS A 164 6.32 -11.46 15.46
C CYS A 164 5.36 -10.66 16.34
N VAL A 165 4.60 -11.36 17.17
CA VAL A 165 3.62 -10.74 18.04
CA VAL A 165 3.62 -10.66 17.99
C VAL A 165 4.31 -9.96 19.15
N GLU A 166 5.47 -10.44 19.57
N GLU A 166 5.47 -10.47 19.57
CA GLU A 166 6.21 -9.77 20.63
CA GLU A 166 6.22 -9.80 20.62
C GLU A 166 6.75 -8.44 20.14
C GLU A 166 6.72 -8.45 20.13
N TRP A 167 7.18 -8.41 18.87
CA TRP A 167 7.67 -7.18 18.28
C TRP A 167 6.53 -6.20 18.14
N LEU A 168 5.41 -6.69 17.64
CA LEU A 168 4.25 -5.85 17.38
C LEU A 168 3.81 -5.17 18.68
N ARG A 169 3.73 -5.95 19.74
CA ARG A 169 3.36 -5.46 21.06
C ARG A 169 4.31 -4.37 21.53
N ARG A 170 5.59 -4.61 21.30
CA ARG A 170 6.62 -3.66 21.66
C ARG A 170 6.51 -2.39 20.85
N TYR A 171 6.20 -2.53 19.55
CA TYR A 171 6.10 -1.36 18.70
C TYR A 171 4.85 -0.57 19.07
N LEU A 172 3.76 -1.27 19.34
CA LEU A 172 2.50 -0.66 19.73
C LEU A 172 2.65 0.19 21.01
N GLU A 173 3.46 -0.30 21.95
CA GLU A 173 3.74 0.45 23.18
C GLU A 173 4.59 1.69 22.89
N ASN A 174 5.76 1.49 22.28
CA ASN A 174 6.65 2.62 22.03
C ASN A 174 6.06 3.66 21.09
N GLY A 175 5.14 3.25 20.22
CA GLY A 175 4.57 4.16 19.25
C GLY A 175 3.15 4.59 19.58
N LYS A 176 2.69 4.33 20.81
CA LYS A 176 1.30 4.51 21.20
C LYS A 176 0.69 5.86 20.82
N GLU A 177 1.49 6.92 20.87
CA GLU A 177 0.99 8.26 20.58
C GLU A 177 0.45 8.38 19.16
N THR A 178 0.94 7.55 18.24
CA THR A 178 0.39 7.52 16.89
C THR A 178 -0.26 6.17 16.54
N LEU A 179 0.41 5.08 16.86
CA LEU A 179 -0.10 3.76 16.54
C LEU A 179 -1.40 3.41 17.23
N GLN A 180 -1.64 3.94 18.43
CA GLN A 180 -2.86 3.53 19.14
C GLN A 180 -3.93 4.63 19.07
N ARG A 181 -3.64 5.63 18.24
CA ARG A 181 -4.56 6.72 18.00
C ARG A 181 -5.36 6.43 16.73
N THR A 182 -6.69 6.52 16.82
CA THR A 182 -7.54 6.49 15.64
C THR A 182 -7.88 7.93 15.24
N ASP A 183 -7.74 8.25 13.96
CA ASP A 183 -8.09 9.58 13.48
C ASP A 183 -9.39 9.48 12.71
N ALA A 184 -10.47 10.05 13.23
CA ALA A 184 -11.78 9.94 12.60
C ALA A 184 -11.78 10.77 11.34
N PRO A 185 -12.50 10.33 10.31
CA PRO A 185 -12.47 11.12 9.07
C PRO A 185 -13.11 12.48 9.22
N LYS A 186 -12.51 13.49 8.62
CA LYS A 186 -13.12 14.79 8.47
C LYS A 186 -13.95 14.73 7.21
N THR A 187 -15.27 14.92 7.34
CA THR A 187 -16.17 14.75 6.21
C THR A 187 -16.80 16.04 5.80
N HIS A 188 -17.08 16.18 4.51
CA HIS A 188 -17.94 17.25 4.03
C HIS A 188 -18.53 16.80 2.70
N MET A 189 -19.46 17.57 2.16
CA MET A 189 -20.12 17.19 0.91
C MET A 189 -20.02 18.35 -0.04
N THR A 190 -19.73 18.07 -1.31
CA THR A 190 -19.75 19.10 -2.35
C THR A 190 -20.82 18.82 -3.40
N HIS A 191 -21.21 19.86 -4.13
CA HIS A 191 -22.30 19.80 -5.10
C HIS A 191 -21.83 20.38 -6.43
N HIS A 192 -22.11 19.68 -7.51
CA HIS A 192 -21.66 20.08 -8.82
C HIS A 192 -22.81 19.98 -9.82
N ALA A 193 -23.11 21.07 -10.52
CA ALA A 193 -24.15 21.04 -11.54
C ALA A 193 -23.59 20.63 -12.90
N VAL A 194 -24.10 19.52 -13.44
CA VAL A 194 -23.75 19.07 -14.76
C VAL A 194 -24.57 19.80 -15.82
N SER A 195 -25.87 19.90 -15.55
CA SER A 195 -26.81 20.56 -16.45
C SER A 195 -27.94 21.15 -15.61
N ASP A 196 -28.94 21.73 -16.26
CA ASP A 196 -30.12 22.24 -15.57
C ASP A 196 -30.94 21.11 -14.95
N HIS A 197 -30.59 19.87 -15.26
CA HIS A 197 -31.42 18.74 -14.87
C HIS A 197 -30.71 17.73 -13.96
N GLU A 198 -29.38 17.77 -13.95
CA GLU A 198 -28.60 16.74 -13.30
C GLU A 198 -27.50 17.35 -12.42
N ALA A 199 -27.30 16.77 -11.24
CA ALA A 199 -26.27 17.25 -10.32
C ALA A 199 -25.51 16.11 -9.69
N THR A 200 -24.26 16.37 -9.30
CA THR A 200 -23.41 15.40 -8.64
C THR A 200 -23.20 15.81 -7.19
N LEU A 201 -23.45 14.89 -6.27
CA LEU A 201 -23.15 15.08 -4.87
C LEU A 201 -21.91 14.27 -4.57
N ARG A 202 -20.92 14.89 -3.94
CA ARG A 202 -19.72 14.15 -3.62
C ARG A 202 -19.48 14.18 -2.13
N CYS A 203 -19.33 13.00 -1.53
CA CYS A 203 -19.13 12.90 -0.10
C CYS A 203 -17.67 12.59 0.20
N TRP A 204 -17.00 13.48 0.95
CA TRP A 204 -15.55 13.37 1.21
C TRP A 204 -15.20 12.88 2.59
N ALA A 205 -14.24 11.98 2.68
CA ALA A 205 -13.66 11.65 3.94
C ALA A 205 -12.17 11.94 3.86
N LEU A 206 -11.66 12.76 4.77
CA LEU A 206 -10.26 13.18 4.74
C LEU A 206 -9.56 12.95 6.08
N SER A 207 -8.24 12.86 6.03
CA SER A 207 -7.38 12.79 7.20
C SER A 207 -7.69 11.65 8.15
N PHE A 208 -8.13 10.50 7.65
CA PHE A 208 -8.49 9.45 8.58
C PHE A 208 -7.41 8.38 8.71
N TYR A 209 -7.42 7.70 9.84
CA TYR A 209 -6.46 6.63 10.10
C TYR A 209 -7.08 5.71 11.12
N PRO A 210 -7.02 4.39 10.90
CA PRO A 210 -6.42 3.63 9.79
C PRO A 210 -7.17 3.76 8.46
N ALA A 211 -6.66 3.13 7.41
CA ALA A 211 -7.18 3.36 6.05
C ALA A 211 -8.59 2.77 5.85
N GLU A 212 -8.92 1.78 6.67
CA GLU A 212 -10.17 1.04 6.52
C GLU A 212 -11.36 1.96 6.78
N ILE A 213 -12.29 1.99 5.82
CA ILE A 213 -13.46 2.87 5.89
C ILE A 213 -14.55 2.39 4.94
N THR A 214 -15.80 2.77 5.21
CA THR A 214 -16.90 2.51 4.28
CA THR A 214 -16.87 2.53 4.25
C THR A 214 -17.71 3.78 4.04
N LEU A 215 -17.94 4.10 2.78
CA LEU A 215 -18.77 5.23 2.42
C LEU A 215 -19.90 4.68 1.58
N THR A 216 -21.13 4.95 1.98
CA THR A 216 -22.28 4.45 1.20
C THR A 216 -23.31 5.55 0.97
N TRP A 217 -24.02 5.48 -0.14
CA TRP A 217 -25.07 6.43 -0.41
C TRP A 217 -26.41 5.77 -0.18
N GLN A 218 -27.31 6.49 0.48
CA GLN A 218 -28.69 6.04 0.58
C GLN A 218 -29.65 7.04 -0.05
N ARG A 219 -30.72 6.51 -0.64
CA ARG A 219 -31.80 7.35 -1.16
CA ARG A 219 -31.79 7.37 -1.15
C ARG A 219 -33.09 7.02 -0.43
N ASP A 220 -33.67 8.01 0.23
CA ASP A 220 -34.86 7.81 1.06
C ASP A 220 -34.64 6.67 2.05
N GLY A 221 -33.47 6.66 2.69
CA GLY A 221 -33.14 5.68 3.72
C GLY A 221 -32.92 4.27 3.19
N GLU A 222 -32.70 4.13 1.89
CA GLU A 222 -32.40 2.82 1.30
C GLU A 222 -31.11 2.86 0.50
N ASP A 223 -30.32 1.78 0.56
CA ASP A 223 -29.02 1.77 -0.12
C ASP A 223 -29.13 2.01 -1.62
N GLN A 224 -28.16 2.75 -2.16
CA GLN A 224 -28.09 2.99 -3.58
C GLN A 224 -26.67 2.83 -4.13
N THR A 225 -26.53 2.00 -5.16
CA THR A 225 -25.22 1.80 -5.78
C THR A 225 -25.22 2.23 -7.23
N GLN A 226 -26.40 2.23 -7.84
CA GLN A 226 -26.53 2.73 -9.21
C GLN A 226 -26.27 4.23 -9.29
N ASP A 227 -25.61 4.65 -10.36
CA ASP A 227 -25.23 6.05 -10.54
C ASP A 227 -24.32 6.57 -9.42
N THR A 228 -23.59 5.68 -8.75
CA THR A 228 -22.63 6.14 -7.77
C THR A 228 -21.24 5.82 -8.25
N GLU A 229 -20.27 6.54 -7.69
CA GLU A 229 -18.86 6.31 -8.00
C GLU A 229 -18.03 6.46 -6.73
N LEU A 230 -17.09 5.54 -6.53
CA LEU A 230 -16.34 5.41 -5.29
C LEU A 230 -14.86 5.28 -5.62
N VAL A 231 -14.02 6.26 -5.32
CA VAL A 231 -12.57 6.08 -5.59
C VAL A 231 -11.92 5.18 -4.56
N GLU A 232 -10.82 4.55 -4.97
CA GLU A 232 -9.96 3.77 -4.08
CA GLU A 232 -10.07 3.75 -4.02
C GLU A 232 -9.42 4.68 -2.98
N THR A 233 -9.35 4.18 -1.75
CA THR A 233 -8.76 4.89 -0.64
C THR A 233 -7.32 5.23 -0.98
N ARG A 234 -6.92 6.47 -0.75
CA ARG A 234 -5.62 6.91 -1.20
C ARG A 234 -4.83 7.56 -0.06
N PRO A 235 -3.50 7.46 -0.10
CA PRO A 235 -2.71 8.10 0.95
C PRO A 235 -2.67 9.60 0.78
N ALA A 236 -2.84 10.34 1.87
CA ALA A 236 -2.70 11.79 1.78
C ALA A 236 -1.22 12.21 1.70
N GLY A 237 -0.32 11.42 2.30
CA GLY A 237 1.10 11.70 2.29
C GLY A 237 1.63 12.07 3.67
N ASP A 238 0.73 12.35 4.61
CA ASP A 238 1.16 12.69 5.97
C ASP A 238 0.81 11.57 6.93
N GLY A 239 0.61 10.38 6.39
CA GLY A 239 0.29 9.24 7.23
C GLY A 239 -1.21 8.97 7.33
N THR A 240 -2.04 9.89 6.86
CA THR A 240 -3.50 9.65 6.87
C THR A 240 -4.03 9.31 5.47
N PHE A 241 -5.34 9.05 5.38
CA PHE A 241 -5.92 8.60 4.11
C PHE A 241 -7.16 9.40 3.70
N GLN A 242 -7.51 9.27 2.42
CA GLN A 242 -8.59 10.03 1.80
C GLN A 242 -9.49 9.09 1.02
N LYS A 243 -10.76 9.43 0.90
CA LYS A 243 -11.69 8.68 0.05
C LYS A 243 -12.88 9.57 -0.23
N TRP A 244 -13.49 9.41 -1.40
CA TRP A 244 -14.79 10.03 -1.59
C TRP A 244 -15.72 9.09 -2.33
N VAL A 245 -17.02 9.39 -2.24
CA VAL A 245 -18.04 8.64 -2.98
C VAL A 245 -19.02 9.67 -3.54
N ALA A 246 -19.41 9.50 -4.80
CA ALA A 246 -20.28 10.46 -5.44
C ALA A 246 -21.54 9.78 -5.96
N VAL A 247 -22.63 10.51 -6.01
CA VAL A 247 -23.85 10.00 -6.63
C VAL A 247 -24.39 11.07 -7.57
N VAL A 248 -24.98 10.64 -8.67
CA VAL A 248 -25.64 11.54 -9.60
C VAL A 248 -27.13 11.60 -9.27
N VAL A 249 -27.67 12.80 -9.13
CA VAL A 249 -29.06 12.97 -8.74
C VAL A 249 -29.78 13.97 -9.64
N PRO A 250 -31.12 13.85 -9.73
CA PRO A 250 -31.89 14.88 -10.41
C PRO A 250 -31.78 16.20 -9.66
N SER A 251 -31.49 17.29 -10.37
CA SER A 251 -31.46 18.62 -9.75
CA SER A 251 -31.45 18.60 -9.74
C SER A 251 -32.73 18.87 -8.95
N GLY A 252 -32.59 19.28 -7.70
CA GLY A 252 -33.74 19.60 -6.86
C GLY A 252 -34.08 18.47 -5.90
N GLN A 253 -33.46 17.30 -6.06
CA GLN A 253 -33.81 16.14 -5.23
C GLN A 253 -32.69 15.76 -4.29
N GLU A 254 -31.75 16.70 -4.10
CA GLU A 254 -30.56 16.47 -3.29
C GLU A 254 -30.86 15.97 -1.90
N GLN A 255 -31.88 16.53 -1.26
CA GLN A 255 -32.20 16.17 0.11
C GLN A 255 -32.63 14.71 0.31
N ARG A 256 -33.08 14.03 -0.75
CA ARG A 256 -33.41 12.61 -0.65
C ARG A 256 -32.18 11.75 -0.31
N TYR A 257 -30.99 12.27 -0.61
CA TYR A 257 -29.80 11.42 -0.60
C TYR A 257 -28.91 11.68 0.62
N THR A 258 -28.45 10.61 1.25
CA THR A 258 -27.57 10.77 2.41
C THR A 258 -26.32 9.91 2.25
N CYS A 259 -25.20 10.44 2.72
CA CYS A 259 -23.93 9.72 2.70
C CYS A 259 -23.69 9.10 4.06
N HIS A 260 -23.29 7.84 4.09
CA HIS A 260 -23.06 7.17 5.37
C HIS A 260 -21.60 6.74 5.53
N VAL A 261 -21.04 7.07 6.69
CA VAL A 261 -19.61 6.89 6.92
C VAL A 261 -19.31 6.04 8.14
N GLN A 262 -18.70 4.89 7.91
CA GLN A 262 -18.28 4.01 8.99
C GLN A 262 -16.76 3.99 9.10
N HIS A 263 -16.26 4.19 10.32
CA HIS A 263 -14.82 4.18 10.58
C HIS A 263 -14.55 3.89 12.06
N GLU A 264 -13.46 3.20 12.35
CA GLU A 264 -13.11 2.82 13.72
CA GLU A 264 -13.10 2.83 13.72
C GLU A 264 -13.01 4.04 14.62
N GLY A 265 -12.66 5.19 14.04
CA GLY A 265 -12.49 6.41 14.79
C GLY A 265 -13.79 7.11 15.11
N LEU A 266 -14.90 6.46 14.74
CA LEU A 266 -16.25 6.99 14.96
C LEU A 266 -17.09 6.07 15.84
N PRO A 267 -17.40 6.51 17.07
CA PRO A 267 -18.31 5.81 17.99
C PRO A 267 -19.57 5.28 17.30
N LYS A 268 -20.19 6.13 16.50
CA LYS A 268 -21.33 5.74 15.68
C LYS A 268 -21.14 6.21 14.24
N PRO A 269 -21.65 5.45 13.25
CA PRO A 269 -21.56 5.91 11.86
C PRO A 269 -22.13 7.32 11.68
N LEU A 270 -21.50 8.10 10.80
CA LEU A 270 -21.97 9.45 10.48
CA LEU A 270 -21.97 9.45 10.50
C LEU A 270 -22.92 9.45 9.29
N THR A 271 -23.86 10.39 9.31
CA THR A 271 -24.79 10.60 8.21
C THR A 271 -24.64 12.04 7.72
N LEU A 272 -24.42 12.22 6.42
CA LEU A 272 -24.38 13.55 5.85
C LEU A 272 -25.50 13.75 4.85
N ARG A 273 -26.02 14.98 4.80
CA ARG A 273 -27.05 15.36 3.84
C ARG A 273 -26.75 16.74 3.34
N TRP A 274 -27.02 16.98 2.07
CA TRP A 274 -26.92 18.31 1.48
C TRP A 274 -28.07 19.20 1.97
N ILE B 2 2.78 -11.66 -16.68
CA ILE B 2 1.55 -10.88 -16.51
C ILE B 2 1.83 -9.38 -16.63
N GLN B 3 0.83 -8.62 -17.07
CA GLN B 3 0.98 -7.18 -17.17
C GLN B 3 -0.30 -6.44 -16.82
N ARG B 4 -0.26 -5.73 -15.71
CA ARG B 4 -1.42 -4.99 -15.26
C ARG B 4 -1.15 -3.51 -15.37
N THR B 5 -2.11 -2.79 -15.95
CA THR B 5 -1.91 -1.38 -16.25
C THR B 5 -2.19 -0.55 -14.99
N PRO B 6 -1.49 0.57 -14.82
CA PRO B 6 -1.71 1.27 -13.55
C PRO B 6 -3.00 2.11 -13.50
N LYS B 7 -3.65 2.10 -12.34
CA LYS B 7 -4.68 3.08 -12.05
C LYS B 7 -4.00 4.32 -11.48
N ILE B 8 -4.57 5.49 -11.73
CA ILE B 8 -3.92 6.75 -11.37
C ILE B 8 -4.93 7.66 -10.69
N GLN B 9 -4.53 8.26 -9.57
CA GLN B 9 -5.28 9.38 -9.00
C GLN B 9 -4.32 10.53 -8.77
N VAL B 10 -4.74 11.72 -9.19
CA VAL B 10 -3.99 12.95 -8.94
C VAL B 10 -4.81 13.84 -8.01
N TYR B 11 -4.18 14.40 -6.98
CA TYR B 11 -4.90 15.10 -5.93
C TYR B 11 -3.95 15.80 -4.98
N SER B 12 -4.49 16.74 -4.20
CA SER B 12 -3.69 17.46 -3.22
C SER B 12 -3.78 16.77 -1.87
N ARG B 13 -2.76 16.95 -1.04
CA ARG B 13 -2.75 16.38 0.30
C ARG B 13 -3.78 17.06 1.19
N HIS B 14 -3.90 18.37 1.03
CA HIS B 14 -4.80 19.20 1.81
C HIS B 14 -5.82 19.84 0.90
N PRO B 15 -6.96 20.26 1.47
CA PRO B 15 -7.97 20.99 0.67
C PRO B 15 -7.33 22.17 -0.06
N ALA B 16 -7.58 22.25 -1.36
CA ALA B 16 -6.90 23.20 -2.22
C ALA B 16 -7.43 24.61 -2.06
N GLU B 17 -6.53 25.55 -1.81
CA GLU B 17 -6.90 26.96 -1.79
C GLU B 17 -5.84 27.73 -2.56
N ASN B 18 -6.28 28.56 -3.51
CA ASN B 18 -5.36 29.35 -4.30
C ASN B 18 -4.43 30.17 -3.42
N GLY B 19 -3.13 30.04 -3.66
CA GLY B 19 -2.15 30.86 -2.95
C GLY B 19 -1.60 30.23 -1.69
N LYS B 20 -2.14 29.09 -1.29
CA LYS B 20 -1.67 28.46 -0.05
C LYS B 20 -0.92 27.17 -0.30
N SER B 21 0.26 27.07 0.32
CA SER B 21 1.13 25.90 0.23
CA SER B 21 1.13 25.91 0.22
C SER B 21 0.38 24.60 0.45
N ASN B 22 0.76 23.58 -0.30
CA ASN B 22 0.05 22.30 -0.30
C ASN B 22 0.97 21.23 -0.87
N PHE B 23 0.47 20.02 -1.03
CA PHE B 23 1.24 18.95 -1.67
C PHE B 23 0.45 18.32 -2.81
N LEU B 24 1.12 18.07 -3.92
CA LEU B 24 0.50 17.44 -5.06
C LEU B 24 0.90 15.99 -5.14
N ASN B 25 -0.09 15.10 -5.10
CA ASN B 25 0.14 13.66 -5.08
C ASN B 25 -0.20 13.00 -6.40
N CYS B 26 0.60 12.03 -6.81
CA CYS B 26 0.20 11.11 -7.87
C CYS B 26 0.32 9.69 -7.35
N TYR B 27 -0.82 9.06 -7.12
CA TYR B 27 -0.88 7.73 -6.56
C TYR B 27 -1.10 6.74 -7.68
N VAL B 28 -0.14 5.84 -7.88
CA VAL B 28 -0.23 4.84 -8.94
C VAL B 28 -0.31 3.48 -8.29
N SER B 29 -1.29 2.68 -8.70
CA SER B 29 -1.53 1.40 -8.06
C SER B 29 -2.00 0.36 -9.07
N GLY B 30 -2.07 -0.90 -8.65
CA GLY B 30 -2.64 -1.93 -9.49
C GLY B 30 -1.76 -2.35 -10.65
N PHE B 31 -0.47 -2.01 -10.62
CA PHE B 31 0.36 -2.31 -11.78
C PHE B 31 1.41 -3.41 -11.57
N HIS B 32 1.87 -3.94 -12.69
CA HIS B 32 2.82 -5.03 -12.72
C HIS B 32 3.34 -5.13 -14.15
N PRO B 33 4.67 -5.27 -14.34
CA PRO B 33 5.70 -5.33 -13.30
C PRO B 33 5.98 -3.96 -12.71
N SER B 34 6.99 -3.88 -11.84
CA SER B 34 7.15 -2.70 -10.99
C SER B 34 7.80 -1.51 -11.66
N ASP B 35 8.51 -1.72 -12.77
CA ASP B 35 9.15 -0.61 -13.45
CA ASP B 35 9.15 -0.59 -13.41
C ASP B 35 8.09 0.35 -13.98
N ILE B 36 8.21 1.63 -13.65
CA ILE B 36 7.21 2.60 -14.05
C ILE B 36 7.85 3.99 -14.09
N GLU B 37 7.36 4.86 -14.97
CA GLU B 37 7.84 6.24 -15.01
C GLU B 37 6.71 7.20 -14.71
N VAL B 38 6.90 8.00 -13.68
CA VAL B 38 5.88 8.93 -13.20
C VAL B 38 6.46 10.33 -13.09
N ASP B 39 5.84 11.30 -13.74
CA ASP B 39 6.25 12.69 -13.58
C ASP B 39 5.06 13.52 -13.20
N LEU B 40 5.30 14.55 -12.39
CA LEU B 40 4.31 15.56 -12.13
C LEU B 40 4.54 16.77 -13.03
N LEU B 41 3.48 17.28 -13.63
CA LEU B 41 3.60 18.37 -14.58
C LEU B 41 3.01 19.67 -14.06
N LYS B 42 3.71 20.77 -14.31
CA LYS B 42 3.17 22.11 -14.13
C LYS B 42 3.11 22.78 -15.49
N ASN B 43 1.90 22.99 -16.01
CA ASN B 43 1.70 23.58 -17.32
C ASN B 43 2.46 22.84 -18.44
N GLY B 44 2.43 21.51 -18.38
CA GLY B 44 3.03 20.69 -19.41
C GLY B 44 4.48 20.36 -19.18
N GLU B 45 5.15 21.12 -18.34
CA GLU B 45 6.57 20.90 -18.08
C GLU B 45 6.83 20.16 -16.78
N ARG B 46 7.80 19.27 -16.82
CA ARG B 46 8.07 18.35 -15.70
C ARG B 46 8.66 19.03 -14.46
N ILE B 47 8.05 18.78 -13.30
CA ILE B 47 8.53 19.31 -12.02
C ILE B 47 9.75 18.50 -11.55
N GLU B 48 10.79 19.19 -11.10
CA GLU B 48 12.10 18.56 -10.86
C GLU B 48 12.28 17.91 -9.49
N LYS B 49 11.82 18.55 -8.42
CA LYS B 49 12.06 17.94 -7.12
C LYS B 49 10.84 17.13 -6.68
N VAL B 50 10.73 15.91 -7.23
CA VAL B 50 9.63 15.03 -6.88
C VAL B 50 10.13 13.81 -6.12
N GLU B 51 9.51 13.53 -4.99
CA GLU B 51 9.87 12.36 -4.19
C GLU B 51 8.79 11.28 -4.35
N HIS B 52 9.11 10.06 -3.94
CA HIS B 52 8.12 8.99 -4.02
C HIS B 52 8.33 8.00 -2.90
N SER B 53 7.26 7.30 -2.54
CA SER B 53 7.30 6.30 -1.48
C SER B 53 8.12 5.08 -1.88
N ASP B 54 8.38 4.21 -0.90
CA ASP B 54 9.07 2.96 -1.18
C ASP B 54 8.11 1.94 -1.77
N LEU B 55 8.61 1.20 -2.76
CA LEU B 55 7.83 0.23 -3.48
C LEU B 55 7.16 -0.79 -2.57
N SER B 56 5.85 -0.86 -2.63
CA SER B 56 5.15 -1.90 -1.90
C SER B 56 4.05 -2.45 -2.78
N PHE B 57 3.31 -3.44 -2.29
CA PHE B 57 2.29 -4.08 -3.10
C PHE B 57 1.14 -4.59 -2.26
N SER B 58 0.01 -4.82 -2.92
CA SER B 58 -1.21 -5.23 -2.25
CA SER B 58 -1.20 -5.23 -2.23
C SER B 58 -1.37 -6.75 -2.25
N LYS B 59 -2.48 -7.20 -1.67
CA LYS B 59 -2.82 -8.62 -1.52
C LYS B 59 -2.73 -9.40 -2.83
N ASP B 60 -3.11 -8.77 -3.93
CA ASP B 60 -3.11 -9.44 -5.24
C ASP B 60 -1.78 -9.28 -5.97
N TRP B 61 -0.75 -8.84 -5.23
CA TRP B 61 0.62 -8.66 -5.70
C TRP B 61 0.85 -7.43 -6.60
N SER B 62 -0.20 -6.68 -6.91
CA SER B 62 -0.02 -5.50 -7.75
CA SER B 62 -0.08 -5.47 -7.73
C SER B 62 0.68 -4.39 -6.96
N PHE B 63 1.55 -3.65 -7.64
CA PHE B 63 2.38 -2.65 -6.95
C PHE B 63 1.66 -1.33 -6.75
N TYR B 64 2.13 -0.52 -5.80
CA TYR B 64 1.66 0.86 -5.72
C TYR B 64 2.76 1.79 -5.23
N LEU B 65 2.68 3.05 -5.69
CA LEU B 65 3.63 4.08 -5.34
C LEU B 65 2.90 5.39 -5.19
N LEU B 66 3.42 6.23 -4.31
CA LEU B 66 2.94 7.60 -4.21
C LEU B 66 4.04 8.55 -4.64
N TYR B 67 3.79 9.34 -5.67
CA TYR B 67 4.70 10.41 -6.03
C TYR B 67 4.16 11.73 -5.52
N TYR B 68 5.01 12.57 -4.94
CA TYR B 68 4.51 13.82 -4.38
C TYR B 68 5.52 14.95 -4.48
N THR B 69 5.00 16.18 -4.57
CA THR B 69 5.83 17.36 -4.44
C THR B 69 5.04 18.52 -3.89
N GLU B 70 5.77 19.54 -3.43
CA GLU B 70 5.16 20.74 -2.91
C GLU B 70 4.65 21.60 -4.06
N PHE B 71 3.48 22.21 -3.88
CA PHE B 71 2.99 23.09 -4.93
C PHE B 71 2.08 24.14 -4.33
N THR B 72 1.87 25.22 -5.08
CA THR B 72 0.90 26.22 -4.68
C THR B 72 -0.10 26.41 -5.78
N PRO B 73 -1.32 25.95 -5.53
CA PRO B 73 -2.46 26.02 -6.44
C PRO B 73 -2.76 27.47 -6.81
N THR B 74 -2.99 27.72 -8.11
CA THR B 74 -3.47 29.00 -8.58
C THR B 74 -4.59 28.76 -9.57
N GLU B 75 -5.26 29.82 -9.99
CA GLU B 75 -6.37 29.65 -10.92
C GLU B 75 -5.87 29.42 -12.35
N LYS B 76 -4.68 29.92 -12.67
CA LYS B 76 -4.19 29.82 -14.05
C LYS B 76 -3.38 28.55 -14.30
N ASP B 77 -2.53 28.19 -13.33
CA ASP B 77 -1.63 27.06 -13.50
C ASP B 77 -2.37 25.72 -13.62
N GLU B 78 -1.96 24.89 -14.57
CA GLU B 78 -2.55 23.57 -14.74
C GLU B 78 -1.57 22.48 -14.31
N TYR B 79 -2.00 21.63 -13.38
CA TYR B 79 -1.16 20.55 -12.88
C TYR B 79 -1.65 19.19 -13.35
N ALA B 80 -0.70 18.26 -13.50
CA ALA B 80 -1.00 16.96 -14.05
C ALA B 80 0.01 15.92 -13.62
N CYS B 81 -0.36 14.66 -13.83
CA CYS B 81 0.56 13.56 -13.63
C CYS B 81 0.67 12.77 -14.94
N ARG B 82 1.89 12.36 -15.29
CA ARG B 82 2.14 11.59 -16.52
C ARG B 82 2.79 10.25 -16.19
N VAL B 83 2.17 9.17 -16.64
CA VAL B 83 2.65 7.83 -16.29
C VAL B 83 2.97 7.02 -17.52
N ASN B 84 4.17 6.47 -17.58
CA ASN B 84 4.49 5.52 -18.61
C ASN B 84 4.78 4.16 -17.97
N HIS B 85 4.46 3.11 -18.70
CA HIS B 85 4.54 1.75 -18.20
C HIS B 85 4.40 0.81 -19.39
N VAL B 86 4.99 -0.39 -19.30
CA VAL B 86 5.05 -1.29 -20.44
C VAL B 86 3.66 -1.56 -21.04
N THR B 87 2.61 -1.52 -20.22
CA THR B 87 1.25 -1.79 -20.65
C THR B 87 0.62 -0.64 -21.40
N LEU B 88 1.34 0.46 -21.57
CA LEU B 88 0.78 1.63 -22.21
C LEU B 88 1.53 1.96 -23.50
N SER B 89 0.76 2.22 -24.56
CA SER B 89 1.32 2.58 -25.86
C SER B 89 1.83 4.02 -25.85
N GLN B 90 0.98 4.93 -25.39
CA GLN B 90 1.38 6.30 -25.12
C GLN B 90 1.30 6.59 -23.62
N PRO B 91 2.15 7.51 -23.11
CA PRO B 91 2.03 7.94 -21.72
C PRO B 91 0.64 8.43 -21.36
N LYS B 92 0.10 7.94 -20.25
CA LYS B 92 -1.20 8.39 -19.78
C LYS B 92 -1.03 9.69 -18.98
N ILE B 93 -1.85 10.68 -19.29
CA ILE B 93 -1.79 11.94 -18.57
C ILE B 93 -3.10 12.19 -17.84
N VAL B 94 -3.01 12.41 -16.54
CA VAL B 94 -4.18 12.70 -15.73
C VAL B 94 -4.04 14.10 -15.16
N LYS B 95 -5.00 14.95 -15.48
CA LYS B 95 -5.01 16.33 -15.01
C LYS B 95 -5.47 16.37 -13.57
N TRP B 96 -4.86 17.26 -12.79
CA TRP B 96 -5.37 17.56 -11.47
C TRP B 96 -6.67 18.37 -11.55
N ASP B 97 -7.67 17.90 -10.82
CA ASP B 97 -8.99 18.51 -10.71
C ASP B 97 -9.24 18.68 -9.22
N ARG B 98 -9.28 19.91 -8.75
CA ARG B 98 -9.35 20.13 -7.31
C ARG B 98 -10.64 19.56 -6.70
N ASP B 99 -11.62 19.26 -7.53
CA ASP B 99 -12.87 18.71 -7.02
C ASP B 99 -12.90 17.18 -7.00
N MET B 100 -11.75 16.54 -7.23
CA MET B 100 -11.69 15.07 -7.28
C MET B 100 -10.44 14.47 -6.64
N GLY C 1 10.35 -6.62 13.96
CA GLY C 1 11.61 -7.29 13.68
C GLY C 1 11.37 -8.38 12.65
N ILE C 2 12.22 -8.48 11.63
CA ILE C 2 11.98 -9.45 10.59
C ILE C 2 12.47 -10.84 11.00
N TRP C 3 12.03 -11.83 10.23
CA TRP C 3 12.35 -13.23 10.47
C TRP C 3 13.86 -13.43 10.43
N GLY C 4 14.41 -14.14 11.41
CA GLY C 4 15.84 -14.40 11.45
C GLY C 4 16.34 -15.60 10.67
N PHE C 5 15.46 -16.38 10.04
CA PHE C 5 15.91 -17.63 9.39
C PHE C 5 15.22 -17.93 8.07
N VAL C 6 15.48 -17.15 7.02
CA VAL C 6 14.83 -17.43 5.74
C VAL C 6 15.44 -18.59 4.96
N PHE C 7 14.59 -19.26 4.20
CA PHE C 7 14.98 -20.43 3.45
C PHE C 7 14.85 -20.16 1.98
N THR C 8 15.79 -20.72 1.21
CA THR C 8 15.73 -20.63 -0.23
C THR C 8 14.66 -21.58 -0.77
N LEU C 9 14.09 -21.19 -1.92
CA LEU C 9 13.14 -22.00 -2.69
C LEU C 9 13.73 -23.30 -3.25
#